data_5ZUP
#
_entry.id   5ZUP
#
_cell.length_a   112.605
_cell.length_b   112.605
_cell.length_c   61.833
_cell.angle_alpha   90.000
_cell.angle_beta   90.000
_cell.angle_gamma   120.000
#
_symmetry.space_group_name_H-M   'P 61'
#
loop_
_entity.id
_entity.type
_entity.pdbx_description
1 polymer 'Double-stranded RNA-specific adenosine deaminase'
2 polymer "(5'-D(*GP*TP*CP*GP*CP*GP*CP*GP*CP*AP*AP*TP*AP*AP*AP*CP*C)-3')"
3 polymer "(5'-D(*AP*CP*GP*GP*TP*TP*TP*AP*TP*CP*GP*CP*GP*CP*GP*CP*G)-3')"
#
loop_
_entity_poly.entity_id
_entity_poly.type
_entity_poly.pdbx_seq_one_letter_code
_entity_poly.pdbx_strand_id
1 'polypeptide(L)' GSHMEQRILKFLEELGEGKATTAHDLSGKLGTPKKEINRVLYSLAKKGKLQKEAGTPPLWKIAVSTQ A,B,C,D
2 'polydeoxyribonucleotide' (DG)(DT)(DC)(DG)(DC)(DG)(DC)(DG)(DC)(DA)(DA)(DT)(DA)(DA)(DA)(DC)(DC) E
3 'polydeoxyribonucleotide' (DA)(DC)(DG)(DG)(DT)(DT)(DT)(DA)(DT)(DC)(DG)(DC)(DG)(DC)(DG)(DC)(DG) F
#
loop_
_chem_comp.id
_chem_comp.type
_chem_comp.name
_chem_comp.formula
DA DNA linking 2'-DEOXYADENOSINE-5'-MONOPHOSPHATE 'C10 H14 N5 O6 P'
DC DNA linking 2'-DEOXYCYTIDINE-5'-MONOPHOSPHATE 'C9 H14 N3 O7 P'
DG DNA linking 2'-DEOXYGUANOSINE-5'-MONOPHOSPHATE 'C10 H14 N5 O7 P'
DT DNA linking THYMIDINE-5'-MONOPHOSPHATE 'C10 H15 N2 O8 P'
#
# COMPACT_ATOMS: atom_id res chain seq x y z
N HIS A 3 8.39 -9.70 -18.38
CA HIS A 3 7.94 -9.63 -19.77
C HIS A 3 6.42 -9.71 -19.86
N MET A 4 5.77 -9.81 -18.70
CA MET A 4 4.32 -9.90 -18.67
C MET A 4 3.67 -8.61 -19.15
N GLU A 5 4.25 -7.46 -18.79
CA GLU A 5 3.67 -6.18 -19.17
C GLU A 5 3.60 -6.03 -20.69
N GLN A 6 4.50 -6.70 -21.42
CA GLN A 6 4.47 -6.63 -22.88
C GLN A 6 3.37 -7.51 -23.45
N ARG A 7 3.22 -8.74 -22.92
CA ARG A 7 2.22 -9.66 -23.45
C ARG A 7 0.80 -9.25 -23.08
N ILE A 8 0.63 -8.57 -21.94
CA ILE A 8 -0.72 -8.20 -21.50
C ILE A 8 -1.35 -7.17 -22.42
N LEU A 9 -0.54 -6.44 -23.19
CA LEU A 9 -1.05 -5.43 -24.10
C LEU A 9 -1.45 -5.98 -25.45
N LYS A 10 -0.74 -7.01 -25.94
CA LYS A 10 -1.03 -7.55 -27.26
C LYS A 10 -2.40 -8.21 -27.31
N PHE A 11 -2.79 -8.86 -26.21
CA PHE A 11 -4.10 -9.51 -26.14
C PHE A 11 -5.23 -8.49 -26.09
N THR A 21 -13.30 -7.83 -21.13
CA THR A 21 -12.53 -8.92 -20.55
C THR A 21 -12.39 -8.76 -19.04
N THR A 22 -11.98 -9.83 -18.38
CA THR A 22 -11.77 -9.84 -16.94
C THR A 22 -10.38 -10.38 -16.64
N ALA A 23 -9.78 -9.91 -15.55
CA ALA A 23 -8.54 -10.50 -15.06
C ALA A 23 -8.71 -12.01 -14.86
N HIS A 24 -9.89 -12.43 -14.43
CA HIS A 24 -10.21 -13.85 -14.38
C HIS A 24 -10.15 -14.50 -15.75
N ASP A 25 -10.64 -13.80 -16.78
CA ASP A 25 -10.61 -14.33 -18.13
C ASP A 25 -9.19 -14.35 -18.70
N LEU A 26 -8.33 -13.44 -18.23
CA LEU A 26 -6.95 -13.38 -18.70
C LEU A 26 -6.06 -14.46 -18.11
N SER A 27 -6.53 -15.20 -17.09
CA SER A 27 -5.71 -16.24 -16.49
C SER A 27 -5.58 -17.45 -17.40
N GLY A 28 -6.54 -17.66 -18.30
CA GLY A 28 -6.48 -18.80 -19.19
C GLY A 28 -5.87 -18.48 -20.54
N LYS A 29 -6.10 -17.26 -21.03
CA LYS A 29 -5.54 -16.86 -22.32
C LYS A 29 -4.02 -16.81 -22.28
N LEU A 30 -3.45 -16.54 -21.11
CA LEU A 30 -2.00 -16.42 -20.95
C LEU A 30 -1.43 -17.40 -19.94
N GLY A 31 -2.25 -18.22 -19.31
CA GLY A 31 -1.75 -19.19 -18.33
C GLY A 31 -1.09 -18.53 -17.14
N THR A 32 -1.61 -17.38 -16.69
CA THR A 32 -1.01 -16.60 -15.64
C THR A 32 -1.93 -16.55 -14.41
N PRO A 33 -1.38 -16.67 -13.21
CA PRO A 33 -2.22 -16.51 -12.01
C PRO A 33 -2.92 -15.16 -11.98
N LYS A 34 -4.14 -15.15 -11.45
CA LYS A 34 -4.93 -13.93 -11.39
C LYS A 34 -4.27 -12.88 -10.52
N LYS A 35 -3.49 -13.30 -9.52
CA LYS A 35 -2.79 -12.34 -8.67
C LYS A 35 -1.77 -11.53 -9.47
N GLU A 36 -1.11 -12.16 -10.44
CA GLU A 36 -0.15 -11.46 -11.28
C GLU A 36 -0.83 -10.66 -12.38
N ILE A 37 -2.02 -11.08 -12.81
CA ILE A 37 -2.74 -10.36 -13.87
C ILE A 37 -3.30 -9.05 -13.33
N ASN A 38 -4.08 -9.12 -12.24
CA ASN A 38 -4.58 -7.91 -11.59
C ASN A 38 -3.46 -6.96 -11.20
N ARG A 39 -2.25 -7.49 -11.00
CA ARG A 39 -1.11 -6.63 -10.69
C ARG A 39 -0.77 -5.75 -11.89
N VAL A 40 -0.61 -6.36 -13.07
CA VAL A 40 -0.30 -5.60 -14.27
C VAL A 40 -1.49 -4.78 -14.75
N LEU A 41 -2.71 -5.20 -14.42
CA LEU A 41 -3.88 -4.43 -14.84
C LEU A 41 -4.00 -3.12 -14.08
N TYR A 42 -3.96 -3.18 -12.74
CA TYR A 42 -4.01 -1.95 -11.95
C TYR A 42 -2.77 -1.10 -12.15
N SER A 43 -1.64 -1.72 -12.48
CA SER A 43 -0.43 -0.96 -12.76
C SER A 43 -0.54 -0.22 -14.10
N LEU A 44 -1.02 -0.93 -15.13
CA LEU A 44 -1.19 -0.29 -16.43
C LEU A 44 -2.31 0.73 -16.42
N ALA A 45 -3.34 0.52 -15.59
CA ALA A 45 -4.41 1.49 -15.46
C ALA A 45 -3.93 2.77 -14.80
N LYS A 46 -2.93 2.67 -13.92
CA LYS A 46 -2.31 3.87 -13.36
C LYS A 46 -1.37 4.53 -14.37
N LYS A 47 -0.97 3.81 -15.42
CA LYS A 47 -0.22 4.38 -16.52
C LYS A 47 -1.14 4.92 -17.62
N GLY A 48 -2.45 4.98 -17.37
CA GLY A 48 -3.41 5.56 -18.30
C GLY A 48 -3.80 4.69 -19.46
N LYS A 49 -3.13 3.55 -19.68
CA LYS A 49 -3.40 2.74 -20.86
C LYS A 49 -4.61 1.84 -20.71
N LEU A 50 -5.04 1.55 -19.49
CA LEU A 50 -6.22 0.74 -19.23
C LEU A 50 -7.32 1.58 -18.61
N GLN A 51 -8.45 0.93 -18.34
CA GLN A 51 -9.59 1.58 -17.69
C GLN A 51 -10.47 0.49 -17.09
N LYS A 52 -10.81 0.64 -15.81
CA LYS A 52 -11.54 -0.39 -15.09
C LYS A 52 -13.04 -0.11 -15.13
N GLU A 53 -13.81 -1.14 -15.44
CA GLU A 53 -15.26 -1.08 -15.41
C GLU A 53 -15.78 -1.67 -14.10
N ALA A 54 -16.99 -1.27 -13.72
CA ALA A 54 -17.56 -1.68 -12.44
C ALA A 54 -18.40 -2.95 -12.64
N GLY A 55 -17.71 -4.09 -12.59
CA GLY A 55 -18.35 -5.38 -12.70
C GLY A 55 -18.06 -6.24 -11.48
N THR A 56 -18.65 -7.43 -11.49
CA THR A 56 -18.45 -8.41 -10.42
C THR A 56 -18.20 -9.80 -11.00
N PRO A 57 -16.92 -10.13 -11.27
CA PRO A 57 -15.71 -9.31 -11.07
C PRO A 57 -15.59 -8.16 -12.07
N PRO A 58 -14.83 -7.12 -11.71
CA PRO A 58 -14.68 -5.95 -12.60
C PRO A 58 -14.22 -6.30 -13.99
N LEU A 59 -14.49 -5.40 -14.94
CA LEU A 59 -14.17 -5.60 -16.34
C LEU A 59 -13.10 -4.60 -16.78
N TRP A 60 -12.36 -4.96 -17.83
CA TRP A 60 -11.21 -4.18 -18.27
C TRP A 60 -11.26 -4.01 -19.78
N LYS A 61 -10.66 -2.90 -20.24
CA LYS A 61 -10.55 -2.62 -21.66
C LYS A 61 -9.48 -1.57 -21.89
N ILE A 62 -8.81 -1.66 -23.03
CA ILE A 62 -7.78 -0.70 -23.39
C ILE A 62 -8.42 0.66 -23.66
N ALA A 63 -7.85 1.71 -23.07
CA ALA A 63 -8.32 3.08 -23.28
C ALA A 63 -7.58 3.69 -24.46
N VAL A 64 -8.32 4.06 -25.50
CA VAL A 64 -7.73 4.63 -26.70
C VAL A 64 -7.26 6.06 -26.43
N HIS B 3 10.51 -9.93 24.54
CA HIS B 3 9.52 -10.95 24.83
C HIS B 3 8.89 -11.48 23.54
N MET B 4 8.26 -10.59 22.77
CA MET B 4 7.67 -11.00 21.51
C MET B 4 8.75 -11.28 20.46
N GLU B 5 9.91 -10.64 20.57
CA GLU B 5 10.97 -10.83 19.59
C GLU B 5 11.53 -12.25 19.65
N GLN B 6 11.93 -12.70 20.86
CA GLN B 6 12.49 -14.03 20.99
C GLN B 6 11.48 -15.11 20.63
N ARG B 7 10.19 -14.81 20.76
CA ARG B 7 9.17 -15.75 20.29
C ARG B 7 9.22 -15.90 18.77
N ILE B 8 9.48 -14.80 18.06
CA ILE B 8 9.64 -14.88 16.61
C ILE B 8 10.95 -15.57 16.26
N LEU B 9 12.02 -15.25 16.98
CA LEU B 9 13.31 -15.87 16.72
C LEU B 9 13.25 -17.38 16.97
N LYS B 10 12.69 -17.78 18.12
CA LYS B 10 12.60 -19.20 18.45
C LYS B 10 11.82 -19.98 17.40
N PHE B 11 10.79 -19.36 16.81
CA PHE B 11 10.01 -20.05 15.79
C PHE B 11 10.82 -20.22 14.50
N LEU B 12 11.64 -19.23 14.15
CA LEU B 12 12.45 -19.32 12.94
C LEU B 12 13.61 -20.30 13.08
N GLU B 13 13.88 -20.80 14.28
CA GLU B 13 14.90 -21.83 14.45
C GLU B 13 14.38 -23.20 14.05
N GLU B 14 13.16 -23.53 14.46
CA GLU B 14 12.56 -24.83 14.20
C GLU B 14 11.93 -24.90 12.81
N LEU B 15 12.65 -24.42 11.80
CA LEU B 15 12.16 -24.42 10.43
C LEU B 15 13.18 -24.92 9.42
N GLY B 16 14.39 -25.28 9.87
CA GLY B 16 15.44 -25.69 8.95
C GLY B 16 16.11 -24.50 8.29
N GLU B 17 17.43 -24.45 8.34
CA GLU B 17 18.16 -23.31 7.78
C GLU B 17 17.98 -23.26 6.27
N GLY B 18 17.56 -22.11 5.76
CA GLY B 18 17.32 -21.93 4.34
C GLY B 18 15.88 -21.56 4.05
N LYS B 19 14.94 -22.26 4.66
CA LYS B 19 13.52 -22.00 4.45
C LYS B 19 13.09 -20.75 5.19
N ALA B 20 12.15 -20.02 4.60
CA ALA B 20 11.65 -18.77 5.14
C ALA B 20 10.14 -18.86 5.37
N THR B 21 9.56 -17.74 5.78
CA THR B 21 8.13 -17.67 6.03
C THR B 21 7.66 -16.23 5.85
N THR B 22 6.35 -16.03 5.94
CA THR B 22 5.74 -14.73 5.79
C THR B 22 5.24 -14.21 7.14
N ALA B 23 4.95 -12.91 7.17
CA ALA B 23 4.35 -12.33 8.37
C ALA B 23 2.93 -12.79 8.57
N HIS B 24 2.20 -13.05 7.49
CA HIS B 24 0.85 -13.58 7.60
C HIS B 24 0.88 -14.99 8.20
N ASP B 25 1.89 -15.78 7.85
CA ASP B 25 2.02 -17.11 8.44
C ASP B 25 2.40 -17.02 9.91
N LEU B 26 3.24 -16.05 10.26
CA LEU B 26 3.65 -15.90 11.66
C LEU B 26 2.50 -15.37 12.52
N SER B 27 1.65 -14.51 11.95
CA SER B 27 0.55 -13.94 12.72
C SER B 27 -0.45 -15.00 13.17
N GLY B 28 -0.53 -16.10 12.44
CA GLY B 28 -1.44 -17.17 12.80
C GLY B 28 -0.85 -18.16 13.79
N LYS B 29 0.41 -18.55 13.56
CA LYS B 29 1.05 -19.55 14.41
C LYS B 29 1.25 -19.02 15.83
N LEU B 30 1.78 -17.80 15.95
CA LEU B 30 2.06 -17.21 17.24
C LEU B 30 0.85 -16.54 17.88
N GLY B 31 -0.28 -16.46 17.18
CA GLY B 31 -1.47 -15.85 17.74
C GLY B 31 -1.30 -14.39 18.08
N THR B 32 -0.76 -13.61 17.13
CA THR B 32 -0.45 -12.21 17.32
C THR B 32 -0.91 -11.43 16.09
N PRO B 33 -1.49 -10.26 16.27
CA PRO B 33 -1.86 -9.44 15.10
C PRO B 33 -0.65 -9.14 14.22
N LYS B 34 -0.88 -9.11 12.91
CA LYS B 34 0.21 -8.93 11.96
C LYS B 34 0.84 -7.55 12.08
N LYS B 35 0.12 -6.58 12.64
CA LYS B 35 0.71 -5.25 12.87
C LYS B 35 1.92 -5.35 13.79
N GLU B 36 1.77 -6.06 14.91
CA GLU B 36 2.89 -6.22 15.83
C GLU B 36 3.94 -7.16 15.25
N ILE B 37 3.53 -8.15 14.46
CA ILE B 37 4.48 -9.10 13.88
C ILE B 37 5.45 -8.37 12.95
N ASN B 38 4.92 -7.62 11.99
CA ASN B 38 5.76 -6.89 11.06
C ASN B 38 6.57 -5.81 11.78
N ARG B 39 5.98 -5.19 12.81
CA ARG B 39 6.69 -4.17 13.55
C ARG B 39 7.93 -4.74 14.24
N VAL B 40 7.87 -5.98 14.69
CA VAL B 40 9.04 -6.62 15.29
C VAL B 40 9.98 -7.15 14.21
N LEU B 41 9.43 -7.70 13.13
CA LEU B 41 10.28 -8.26 12.08
C LEU B 41 11.20 -7.21 11.47
N TYR B 42 10.65 -6.05 11.12
CA TYR B 42 11.46 -4.99 10.53
C TYR B 42 12.52 -4.49 11.51
N SER B 43 12.24 -4.55 12.81
CA SER B 43 13.22 -4.11 13.80
C SER B 43 14.33 -5.13 14.00
N LEU B 44 14.03 -6.42 13.80
CA LEU B 44 15.06 -7.45 13.94
C LEU B 44 16.02 -7.45 12.76
N ALA B 45 15.52 -7.09 11.57
CA ALA B 45 16.39 -6.96 10.41
C ALA B 45 17.27 -5.71 10.48
N LYS B 46 16.79 -4.66 11.15
CA LYS B 46 17.58 -3.44 11.30
C LYS B 46 18.69 -3.61 12.34
N LYS B 47 18.46 -4.44 13.36
CA LYS B 47 19.48 -4.75 14.35
C LYS B 47 20.42 -5.85 13.90
N GLY B 48 20.29 -6.35 12.67
CA GLY B 48 21.14 -7.40 12.17
C GLY B 48 20.75 -8.81 12.58
N LYS B 49 19.71 -8.97 13.41
CA LYS B 49 19.32 -10.30 13.85
C LYS B 49 18.63 -11.08 12.74
N LEU B 50 17.91 -10.41 11.85
CA LEU B 50 17.17 -11.06 10.79
C LEU B 50 17.56 -10.50 9.42
N GLN B 51 17.02 -11.14 8.38
CA GLN B 51 17.27 -10.77 7.01
C GLN B 51 15.96 -10.86 6.23
N LYS B 52 15.65 -9.80 5.48
CA LYS B 52 14.39 -9.72 4.75
C LYS B 52 14.63 -9.98 3.27
N GLU B 53 13.86 -10.92 2.71
CA GLU B 53 13.82 -11.16 1.27
C GLU B 53 12.58 -10.47 0.73
N ALA B 54 12.74 -9.28 0.19
CA ALA B 54 11.60 -8.48 -0.26
C ALA B 54 10.84 -9.20 -1.36
N GLY B 55 9.52 -9.14 -1.29
CA GLY B 55 8.69 -9.81 -2.26
C GLY B 55 7.23 -9.50 -2.04
N THR B 56 6.37 -10.38 -2.56
CA THR B 56 4.93 -10.20 -2.42
C THR B 56 4.25 -11.49 -2.00
N PRO B 57 4.10 -11.70 -0.68
CA PRO B 57 4.59 -10.83 0.39
C PRO B 57 6.06 -11.12 0.71
N PRO B 58 6.72 -10.23 1.46
CA PRO B 58 8.13 -10.45 1.80
C PRO B 58 8.32 -11.73 2.61
N LEU B 59 9.52 -12.31 2.47
CA LEU B 59 9.90 -13.52 3.17
C LEU B 59 10.98 -13.22 4.19
N TRP B 60 10.90 -13.87 5.35
CA TRP B 60 11.78 -13.59 6.48
C TRP B 60 12.48 -14.86 6.92
N LYS B 61 13.78 -14.74 7.23
CA LYS B 61 14.57 -15.86 7.71
C LYS B 61 15.68 -15.31 8.60
N ILE B 62 16.46 -16.23 9.18
CA ILE B 62 17.57 -15.84 10.03
C ILE B 62 18.63 -15.11 9.20
N ALA B 63 19.21 -14.06 9.78
CA ALA B 63 20.21 -13.27 9.08
C ALA B 63 21.40 -14.12 8.69
N VAL B 64 21.79 -14.05 7.42
CA VAL B 64 22.89 -14.81 6.88
C VAL B 64 24.11 -13.90 6.77
N SER B 65 25.22 -14.32 7.38
CA SER B 65 26.45 -13.54 7.31
C SER B 65 27.01 -13.54 5.90
N THR B 66 27.68 -12.44 5.53
CA THR B 66 28.18 -12.26 4.18
C THR B 66 29.63 -11.76 4.17
N GLN B 67 30.33 -11.85 5.28
CA GLN B 67 31.72 -11.38 5.33
C GLN B 67 32.64 -12.35 4.59
N SER C 2 -22.16 -8.60 17.23
CA SER C 2 -21.24 -7.60 16.71
C SER C 2 -21.63 -6.19 17.14
N HIS C 3 -21.17 -5.79 18.33
CA HIS C 3 -21.46 -4.47 18.87
C HIS C 3 -20.37 -3.46 18.52
N MET C 4 -19.51 -3.78 17.55
CA MET C 4 -18.56 -2.79 17.04
C MET C 4 -19.24 -1.78 16.12
N GLU C 5 -20.29 -2.20 15.42
CA GLU C 5 -21.06 -1.27 14.59
C GLU C 5 -21.81 -0.25 15.46
N GLN C 6 -22.35 -0.71 16.60
CA GLN C 6 -23.16 0.16 17.43
C GLN C 6 -22.32 1.27 18.06
N ARG C 7 -21.08 0.97 18.44
CA ARG C 7 -20.24 1.95 19.10
C ARG C 7 -19.66 2.97 18.13
N ILE C 8 -19.43 2.58 16.88
CA ILE C 8 -18.91 3.52 15.89
C ILE C 8 -19.98 4.53 15.50
N LEU C 9 -21.19 4.04 15.17
CA LEU C 9 -22.30 4.95 14.91
C LEU C 9 -22.61 5.81 16.12
N LYS C 10 -22.43 5.26 17.33
CA LYS C 10 -22.60 6.05 18.54
C LYS C 10 -21.53 7.13 18.64
N PHE C 11 -20.31 6.83 18.21
CA PHE C 11 -19.24 7.82 18.28
C PHE C 11 -19.44 8.92 17.27
N LEU C 12 -19.86 8.58 16.04
CA LEU C 12 -20.09 9.59 15.03
C LEU C 12 -21.30 10.46 15.36
N GLU C 13 -22.27 9.91 16.10
CA GLU C 13 -23.40 10.72 16.54
C GLU C 13 -22.95 11.75 17.58
N GLU C 14 -22.19 11.32 18.59
CA GLU C 14 -21.73 12.22 19.62
C GLU C 14 -20.65 13.18 19.13
N LEU C 15 -20.11 12.99 17.93
CA LEU C 15 -19.09 13.89 17.42
C LEU C 15 -19.69 15.22 17.00
N GLY C 16 -20.94 15.23 16.54
CA GLY C 16 -21.63 16.44 16.15
C GLY C 16 -22.30 16.29 14.80
N GLU C 17 -22.98 17.36 14.40
CA GLU C 17 -23.67 17.37 13.12
C GLU C 17 -22.68 17.52 11.98
N GLY C 18 -22.84 16.67 10.96
CA GLY C 18 -22.02 16.75 9.77
C GLY C 18 -20.53 16.60 10.01
N LYS C 19 -20.17 16.08 11.18
CA LYS C 19 -18.77 15.95 11.56
C LYS C 19 -18.21 14.63 11.05
N ALA C 20 -16.94 14.63 10.68
CA ALA C 20 -16.27 13.45 10.16
C ALA C 20 -14.96 13.23 10.91
N THR C 21 -14.40 12.04 10.73
CA THR C 21 -13.14 11.69 11.36
C THR C 21 -12.52 10.53 10.59
N THR C 22 -11.29 10.19 10.97
CA THR C 22 -10.51 9.17 10.28
C THR C 22 -10.62 7.82 10.98
N ALA C 23 -10.25 6.77 10.24
CA ALA C 23 -10.22 5.44 10.82
C ALA C 23 -9.11 5.30 11.86
N HIS C 24 -8.02 6.04 11.70
CA HIS C 24 -6.95 6.01 12.69
C HIS C 24 -7.39 6.65 14.00
N ASP C 25 -8.26 7.66 13.94
CA ASP C 25 -8.76 8.28 15.16
C ASP C 25 -9.75 7.36 15.87
N LEU C 26 -10.55 6.62 15.11
CA LEU C 26 -11.49 5.68 15.72
C LEU C 26 -10.75 4.57 16.46
N SER C 27 -9.64 4.09 15.89
CA SER C 27 -8.88 3.04 16.53
C SER C 27 -8.26 3.50 17.84
N GLY C 28 -7.91 4.78 17.94
CA GLY C 28 -7.31 5.30 19.15
C GLY C 28 -8.30 5.52 20.28
N LYS C 29 -9.41 6.21 19.97
CA LYS C 29 -10.40 6.51 21.00
C LYS C 29 -11.10 5.23 21.47
N LEU C 30 -11.71 4.50 20.54
CA LEU C 30 -12.51 3.33 20.90
C LEU C 30 -11.66 2.16 21.40
N GLY C 31 -10.34 2.22 21.26
CA GLY C 31 -9.49 1.15 21.73
C GLY C 31 -9.70 -0.14 20.98
N THR C 32 -9.79 -0.05 19.65
CA THR C 32 -10.02 -1.19 18.78
C THR C 32 -9.00 -1.17 17.65
N PRO C 33 -8.41 -2.30 17.30
CA PRO C 33 -7.44 -2.33 16.20
C PRO C 33 -8.04 -1.77 14.91
N LYS C 34 -7.24 -0.97 14.20
CA LYS C 34 -7.70 -0.32 12.99
C LYS C 34 -8.11 -1.31 11.91
N LYS C 35 -7.62 -2.56 12.00
CA LYS C 35 -8.00 -3.59 11.04
C LYS C 35 -9.49 -3.89 11.11
N GLU C 36 -9.99 -4.17 12.32
CA GLU C 36 -11.42 -4.41 12.48
C GLU C 36 -12.24 -3.16 12.20
N ILE C 37 -11.68 -1.98 12.50
CA ILE C 37 -12.41 -0.73 12.30
C ILE C 37 -12.71 -0.51 10.83
N ASN C 38 -11.67 -0.54 9.99
CA ASN C 38 -11.87 -0.32 8.56
C ASN C 38 -12.75 -1.40 7.94
N ARG C 39 -12.66 -2.63 8.44
CA ARG C 39 -13.54 -3.69 7.95
C ARG C 39 -15.00 -3.36 8.22
N VAL C 40 -15.28 -2.69 9.35
CA VAL C 40 -16.65 -2.33 9.68
C VAL C 40 -17.04 -1.02 8.98
N LEU C 41 -16.11 -0.07 8.89
CA LEU C 41 -16.41 1.21 8.24
C LEU C 41 -16.84 1.00 6.79
N TYR C 42 -16.05 0.25 6.02
CA TYR C 42 -16.43 -0.05 4.64
C TYR C 42 -17.73 -0.84 4.57
N SER C 43 -18.04 -1.61 5.60
CA SER C 43 -19.29 -2.37 5.61
C SER C 43 -20.47 -1.46 5.88
N LEU C 44 -20.34 -0.53 6.83
CA LEU C 44 -21.44 0.37 7.15
C LEU C 44 -21.74 1.32 6.00
N ALA C 45 -20.73 1.68 5.21
CA ALA C 45 -20.96 2.50 4.03
C ALA C 45 -21.71 1.72 2.96
N LYS C 46 -21.46 0.41 2.87
CA LYS C 46 -22.18 -0.41 1.91
C LYS C 46 -23.64 -0.58 2.32
N LYS C 47 -23.89 -0.69 3.63
CA LYS C 47 -25.25 -0.72 4.14
C LYS C 47 -25.97 0.61 3.97
N GLY C 48 -25.27 1.67 3.56
CA GLY C 48 -25.86 2.97 3.38
C GLY C 48 -25.98 3.81 4.63
N LYS C 49 -25.53 3.31 5.78
CA LYS C 49 -25.63 4.06 7.02
C LYS C 49 -24.51 5.06 7.19
N LEU C 50 -23.38 4.85 6.52
CA LEU C 50 -22.27 5.80 6.52
C LEU C 50 -21.95 6.22 5.10
N GLN C 51 -21.30 7.37 4.97
CA GLN C 51 -20.82 7.85 3.69
C GLN C 51 -19.34 8.20 3.81
N LYS C 52 -18.59 7.96 2.74
CA LYS C 52 -17.14 8.10 2.74
C LYS C 52 -16.76 9.33 1.93
N GLU C 53 -16.19 10.33 2.60
CA GLU C 53 -15.63 11.49 1.90
C GLU C 53 -14.25 11.13 1.38
N ALA C 54 -13.98 11.51 0.13
CA ALA C 54 -12.69 11.21 -0.49
C ALA C 54 -11.57 11.91 0.25
N GLY C 55 -10.43 11.24 0.34
CA GLY C 55 -9.27 11.81 1.01
C GLY C 55 -8.29 10.73 1.39
N THR C 56 -7.15 11.19 1.90
CA THR C 56 -6.09 10.29 2.34
C THR C 56 -5.57 10.71 3.71
N PRO C 57 -6.03 10.02 4.77
CA PRO C 57 -6.97 8.88 4.75
C PRO C 57 -8.41 9.29 4.51
N PRO C 58 -9.28 8.33 4.19
CA PRO C 58 -10.69 8.66 3.99
C PRO C 58 -11.33 9.18 5.28
N LEU C 59 -12.29 10.09 5.12
CA LEU C 59 -13.06 10.63 6.21
C LEU C 59 -14.45 9.97 6.24
N TRP C 60 -14.96 9.75 7.44
CA TRP C 60 -16.19 8.99 7.62
C TRP C 60 -17.18 9.77 8.45
N LYS C 61 -18.44 9.79 8.00
CA LYS C 61 -19.52 10.45 8.71
C LYS C 61 -20.81 9.69 8.44
N ILE C 62 -21.85 10.03 9.21
CA ILE C 62 -23.12 9.34 9.08
C ILE C 62 -23.82 9.82 7.80
N ALA C 63 -24.28 8.87 7.00
CA ALA C 63 -24.88 9.20 5.72
C ALA C 63 -26.17 9.99 5.92
N VAL C 64 -26.47 10.86 4.96
CA VAL C 64 -27.57 11.81 5.09
C VAL C 64 -28.46 11.75 3.85
N SER C 65 -27.88 11.38 2.71
CA SER C 65 -28.54 11.57 1.43
C SER C 65 -29.39 10.37 1.01
N THR C 66 -28.78 9.19 0.91
CA THR C 66 -29.43 8.06 0.27
C THR C 66 -30.55 7.49 1.15
N GLN C 67 -31.36 6.63 0.54
CA GLN C 67 -32.50 6.02 1.21
C GLN C 67 -32.16 4.61 1.70
N SER D 2 -0.57 16.11 -12.61
CA SER D 2 0.27 16.27 -13.78
C SER D 2 0.88 17.67 -13.83
N HIS D 3 0.44 18.54 -12.92
CA HIS D 3 1.02 19.86 -12.76
C HIS D 3 2.21 19.83 -11.81
N MET D 4 2.03 19.20 -10.64
CA MET D 4 3.16 18.99 -9.75
C MET D 4 4.13 17.95 -10.31
N GLU D 5 3.62 17.00 -11.11
CA GLU D 5 4.50 16.05 -11.78
C GLU D 5 5.43 16.77 -12.75
N GLN D 6 4.92 17.76 -13.48
CA GLN D 6 5.75 18.51 -14.42
C GLN D 6 6.78 19.36 -13.68
N ARG D 7 6.39 19.95 -12.54
CA ARG D 7 7.34 20.74 -11.76
C ARG D 7 8.51 19.89 -11.29
N ILE D 8 8.23 18.64 -10.89
CA ILE D 8 9.30 17.75 -10.45
C ILE D 8 10.10 17.23 -11.64
N LEU D 9 9.41 16.83 -12.71
CA LEU D 9 10.10 16.29 -13.87
C LEU D 9 10.97 17.34 -14.55
N LYS D 10 10.49 18.59 -14.60
CA LYS D 10 11.30 19.66 -15.17
C LYS D 10 12.58 19.85 -14.37
N PHE D 11 12.45 19.91 -13.04
CA PHE D 11 13.61 20.16 -12.20
C PHE D 11 14.65 19.06 -12.35
N LEU D 12 14.21 17.80 -12.29
CA LEU D 12 15.14 16.68 -12.50
C LEU D 12 15.75 16.71 -13.89
N GLU D 13 15.15 17.44 -14.83
CA GLU D 13 15.75 17.67 -16.14
C GLU D 13 16.62 18.92 -16.15
N GLU D 14 16.20 19.97 -15.44
CA GLU D 14 17.05 21.15 -15.29
C GLU D 14 18.36 20.76 -14.62
N LEU D 15 18.27 20.15 -13.45
CA LEU D 15 19.43 19.50 -12.84
C LEU D 15 19.98 18.45 -13.80
N GLY D 16 21.27 18.13 -13.62
CA GLY D 16 22.04 17.33 -14.54
C GLY D 16 21.38 16.14 -15.24
N GLU D 17 21.83 15.84 -16.45
CA GLU D 17 21.24 14.79 -17.28
C GLU D 17 21.51 13.38 -16.76
N GLY D 18 22.26 13.24 -15.67
CA GLY D 18 22.48 11.94 -15.06
C GLY D 18 22.44 12.03 -13.55
N LYS D 19 22.05 13.19 -13.04
CA LYS D 19 22.05 13.44 -11.61
C LYS D 19 20.78 12.90 -10.96
N ALA D 20 20.80 12.88 -9.63
CA ALA D 20 19.65 12.50 -8.82
C ALA D 20 19.49 13.52 -7.71
N THR D 21 18.38 13.40 -6.97
CA THR D 21 18.11 14.31 -5.87
C THR D 21 17.16 13.62 -4.89
N THR D 22 16.99 14.26 -3.74
CA THR D 22 16.15 13.73 -2.67
C THR D 22 14.81 14.46 -2.64
N ALA D 23 13.84 13.84 -1.96
CA ALA D 23 12.55 14.48 -1.79
C ALA D 23 12.67 15.72 -0.91
N HIS D 24 13.57 15.70 0.07
CA HIS D 24 13.82 16.89 0.88
C HIS D 24 14.36 18.03 0.03
N ASP D 25 15.26 17.73 -0.90
CA ASP D 25 15.78 18.76 -1.78
C ASP D 25 14.69 19.33 -2.68
N LEU D 26 13.81 18.46 -3.19
CA LEU D 26 12.69 18.93 -4.00
C LEU D 26 11.69 19.74 -3.19
N SER D 27 11.58 19.45 -1.90
CA SER D 27 10.60 20.14 -1.07
C SER D 27 10.95 21.62 -0.89
N GLY D 28 12.21 21.90 -0.57
CA GLY D 28 12.61 23.28 -0.33
C GLY D 28 12.68 24.09 -1.62
N LYS D 29 13.20 23.50 -2.68
CA LYS D 29 13.33 24.20 -3.96
C LYS D 29 12.01 24.32 -4.70
N LEU D 30 10.89 23.92 -4.10
CA LEU D 30 9.58 24.07 -4.73
C LEU D 30 8.52 24.62 -3.77
N GLY D 31 8.87 24.89 -2.51
CA GLY D 31 7.89 25.40 -1.57
C GLY D 31 6.74 24.45 -1.32
N THR D 32 6.99 23.15 -1.39
CA THR D 32 5.97 22.12 -1.24
C THR D 32 6.37 21.17 -0.14
N PRO D 33 5.44 20.80 0.75
CA PRO D 33 5.77 19.85 1.81
C PRO D 33 6.31 18.54 1.27
N LYS D 34 7.15 17.88 2.07
CA LYS D 34 7.76 16.62 1.64
C LYS D 34 6.72 15.54 1.41
N LYS D 35 5.55 15.65 2.06
CA LYS D 35 4.51 14.64 1.87
C LYS D 35 3.93 14.71 0.46
N GLU D 36 3.72 15.93 -0.05
CA GLU D 36 3.21 16.07 -1.41
C GLU D 36 4.24 15.66 -2.45
N ILE D 37 5.52 15.90 -2.18
CA ILE D 37 6.57 15.52 -3.12
C ILE D 37 6.67 14.00 -3.22
N ASN D 38 6.71 13.32 -2.07
CA ASN D 38 6.81 11.86 -2.08
C ASN D 38 5.56 11.21 -2.68
N ARG D 39 4.40 11.86 -2.55
CA ARG D 39 3.20 11.35 -3.20
C ARG D 39 3.36 11.32 -4.71
N VAL D 40 4.03 12.34 -5.27
CA VAL D 40 4.22 12.40 -6.70
C VAL D 40 5.43 11.56 -7.12
N LEU D 41 6.48 11.54 -6.31
CA LEU D 41 7.69 10.79 -6.66
C LEU D 41 7.39 9.31 -6.78
N TYR D 42 6.80 8.71 -5.75
CA TYR D 42 6.51 7.29 -5.78
C TYR D 42 5.45 6.95 -6.82
N SER D 43 4.51 7.87 -7.08
CA SER D 43 3.55 7.64 -8.14
C SER D 43 4.22 7.60 -9.51
N LEU D 44 5.23 8.47 -9.71
CA LEU D 44 5.95 8.46 -10.97
C LEU D 44 6.80 7.21 -11.14
N ALA D 45 7.23 6.59 -10.02
CA ALA D 45 8.02 5.38 -10.10
C ALA D 45 7.20 4.21 -10.62
N LYS D 46 5.99 4.04 -10.08
CA LYS D 46 5.12 2.97 -10.56
C LYS D 46 4.69 3.21 -12.00
N LYS D 47 4.59 4.46 -12.42
CA LYS D 47 4.34 4.78 -13.82
C LYS D 47 5.56 4.57 -14.70
N GLY D 48 6.70 4.16 -14.13
CA GLY D 48 7.92 3.98 -14.88
C GLY D 48 8.59 5.24 -15.36
N LYS D 49 8.07 6.42 -14.99
CA LYS D 49 8.67 7.67 -15.44
C LYS D 49 9.95 7.97 -14.68
N LEU D 50 10.01 7.65 -13.39
CA LEU D 50 11.16 7.93 -12.56
C LEU D 50 11.86 6.64 -12.16
N GLN D 51 13.11 6.80 -11.72
CA GLN D 51 13.92 5.70 -11.19
C GLN D 51 14.35 6.06 -9.78
N LYS D 52 14.09 5.15 -8.84
CA LYS D 52 14.36 5.39 -7.43
C LYS D 52 15.52 4.53 -6.96
N GLU D 53 16.42 5.13 -6.20
CA GLU D 53 17.55 4.45 -5.59
C GLU D 53 17.31 4.35 -4.09
N ALA D 54 17.19 3.12 -3.58
CA ALA D 54 16.93 2.92 -2.16
C ALA D 54 18.08 3.47 -1.33
N GLY D 55 17.74 4.16 -0.26
CA GLY D 55 18.75 4.74 0.61
C GLY D 55 18.11 5.64 1.65
N THR D 56 18.97 6.44 2.29
CA THR D 56 18.53 7.35 3.34
C THR D 56 19.05 8.76 3.07
N PRO D 57 18.25 9.60 2.41
CA PRO D 57 16.92 9.27 1.86
C PRO D 57 17.02 8.68 0.45
N PRO D 58 15.91 8.15 -0.07
CA PRO D 58 15.93 7.63 -1.45
C PRO D 58 16.28 8.72 -2.46
N LEU D 59 16.94 8.30 -3.53
CA LEU D 59 17.36 9.19 -4.61
C LEU D 59 16.50 8.92 -5.85
N TRP D 60 16.14 10.01 -6.53
CA TRP D 60 15.22 9.96 -7.67
C TRP D 60 15.87 10.59 -8.89
N LYS D 61 15.78 9.91 -10.03
CA LYS D 61 16.34 10.40 -11.27
C LYS D 61 15.43 10.02 -12.42
N ILE D 62 15.64 10.66 -13.58
CA ILE D 62 14.84 10.39 -14.75
C ILE D 62 15.18 9.00 -15.30
N ALA D 63 14.14 8.24 -15.64
CA ALA D 63 14.31 6.92 -16.21
C ALA D 63 14.10 6.98 -17.73
N VAL D 64 14.25 5.84 -18.38
CA VAL D 64 14.05 5.75 -19.82
C VAL D 64 12.85 4.85 -20.12
#